data_1GA4
#
_entry.id   1GA4
#
_cell.length_a   97.630
_cell.length_b   97.630
_cell.length_c   83.300
_cell.angle_alpha   90.00
_cell.angle_beta   90.00
_cell.angle_gamma   120.00
#
_symmetry.space_group_name_H-M   'P 62'
#
loop_
_entity.id
_entity.type
_entity.pdbx_description
1 polymer 'SERINE-CARBOXYL PROTEINASE'
2 polymer PSEUDOIODOTYROSTATIN
3 non-polymer 'CALCIUM ION'
4 non-polymer GLYCEROL
5 water water
#
loop_
_entity_poly.entity_id
_entity_poly.type
_entity_poly.pdbx_seq_one_letter_code
_entity_poly.pdbx_strand_id
1 'polypeptide(L)'
;AAGTAKGHNPTEFPTIYDASSAPTAANTTVGIITIGGVSQTLQDLQQFTSANGLASVNTQTIQTGSSNGDYSDDQQGQGE
WDLDSQSIVGSAGGAVQQLLFYMADQSASGNTGLTQAFNQAVSDNVAKVINVSLGWCEADANADGTLQAEDRIFATAAAQ
GQTFSVSSGDEGVYECNNRGYPDGSTYSVSWPASSPNVIAVGGTTLYTTSAGAYSNETVWNEGLDSNGKLWATGGGYSVY
ESKPSWQSVVSGTPGRRLLPDISFDAAQGTGALIYNYGQLQQIGGTSLASPIFVGLWARLQSANSNSLGFPAASFYSAIS
STPSLVHDVKSGNNGYGGYGYNAGTGWDYPTGWGSLDIAKLSAYIRSNGFGH
;
A
2 'polypeptide(L)' (IVA)(PHI)(TYB) I
#
loop_
_chem_comp.id
_chem_comp.type
_chem_comp.name
_chem_comp.formula
CA non-polymer 'CALCIUM ION' 'Ca 2'
GOL non-polymer GLYCEROL 'C3 H8 O3'
IVA non-polymer 'ISOVALERIC ACID' 'C5 H10 O2'
#
# COMPACT_ATOMS: atom_id res chain seq x y z
N ALA A 2 1.28 -2.56 -25.55
CA ALA A 2 0.23 -3.57 -25.49
C ALA A 2 -0.85 -3.14 -24.53
N GLY A 3 -2.11 -3.47 -24.89
CA GLY A 3 -3.13 -3.25 -23.85
C GLY A 3 -3.50 -1.78 -23.83
N THR A 4 -4.45 -1.46 -22.97
CA THR A 4 -5.02 -0.12 -22.84
C THR A 4 -4.88 0.42 -21.44
N ALA A 5 -4.60 1.70 -21.30
CA ALA A 5 -4.56 2.47 -20.09
C ALA A 5 -5.94 3.11 -19.88
N LYS A 6 -6.59 2.69 -18.80
CA LYS A 6 -7.87 3.27 -18.49
C LYS A 6 -8.14 3.12 -16.98
N GLY A 7 -9.17 3.82 -16.51
CA GLY A 7 -9.60 3.66 -15.13
C GLY A 7 -10.31 2.33 -14.91
N HIS A 8 -10.35 1.87 -13.66
CA HIS A 8 -10.95 0.59 -13.26
C HIS A 8 -11.79 0.72 -12.00
N ASN A 9 -12.94 0.04 -12.03
CA ASN A 9 -13.71 -0.18 -10.81
C ASN A 9 -12.88 -1.05 -9.88
N PRO A 10 -12.79 -0.76 -8.60
CA PRO A 10 -12.12 -1.66 -7.68
C PRO A 10 -12.56 -3.11 -7.74
N THR A 11 -13.79 -3.38 -8.11
CA THR A 11 -14.16 -4.79 -8.21
C THR A 11 -13.45 -5.53 -9.31
N GLU A 12 -12.74 -4.83 -10.19
CA GLU A 12 -11.97 -5.45 -11.24
C GLU A 12 -10.63 -5.99 -10.76
N PHE A 13 -10.10 -5.49 -9.64
CA PHE A 13 -8.74 -5.88 -9.23
C PHE A 13 -8.61 -7.38 -9.00
N PRO A 14 -9.56 -8.14 -8.49
CA PRO A 14 -9.34 -9.60 -8.45
C PRO A 14 -9.11 -10.21 -9.83
N THR A 15 -9.84 -9.81 -10.86
CA THR A 15 -9.60 -10.34 -12.19
C THR A 15 -8.21 -9.99 -12.66
N ILE A 16 -7.82 -8.74 -12.49
CA ILE A 16 -6.54 -8.25 -12.98
C ILE A 16 -5.39 -8.98 -12.33
N TYR A 17 -5.47 -9.23 -11.00
CA TYR A 17 -4.33 -9.85 -10.30
C TYR A 17 -4.58 -11.32 -9.99
N ASP A 18 -5.47 -11.96 -10.76
CA ASP A 18 -5.67 -13.42 -10.71
C ASP A 18 -6.10 -13.96 -9.33
N ALA A 19 -7.08 -13.28 -8.71
CA ALA A 19 -7.56 -13.63 -7.39
C ALA A 19 -8.98 -14.12 -7.36
N SER A 20 -9.64 -14.17 -8.51
CA SER A 20 -11.04 -14.54 -8.53
C SER A 20 -11.31 -15.91 -7.95
N SER A 21 -10.37 -16.86 -8.05
CA SER A 21 -10.61 -18.22 -7.56
C SER A 21 -10.27 -18.41 -6.11
N ALA A 22 -9.74 -17.37 -5.47
CA ALA A 22 -9.44 -17.43 -4.04
C ALA A 22 -10.68 -17.09 -3.23
N PRO A 23 -10.75 -17.47 -1.98
CA PRO A 23 -11.81 -17.02 -1.11
C PRO A 23 -11.79 -15.50 -1.03
N THR A 24 -12.92 -14.90 -0.67
CA THR A 24 -12.92 -13.50 -0.33
C THR A 24 -12.30 -13.34 1.07
N ALA A 25 -12.14 -12.07 1.48
CA ALA A 25 -11.63 -11.81 2.83
C ALA A 25 -12.67 -11.79 3.93
N ALA A 26 -13.78 -12.46 3.83
CA ALA A 26 -14.93 -12.54 4.67
C ALA A 26 -14.54 -13.05 6.05
N ASN A 27 -13.46 -13.82 6.10
CA ASN A 27 -13.02 -14.31 7.41
C ASN A 27 -11.82 -13.59 8.01
N THR A 28 -11.47 -12.42 7.47
CA THR A 28 -10.34 -11.65 7.93
C THR A 28 -10.74 -10.22 8.23
N THR A 29 -10.30 -9.76 9.41
CA THR A 29 -10.51 -8.37 9.80
C THR A 29 -9.38 -7.50 9.30
N VAL A 30 -9.72 -6.38 8.72
CA VAL A 30 -8.75 -5.47 8.11
C VAL A 30 -8.84 -4.09 8.72
N GLY A 31 -7.69 -3.46 8.97
CA GLY A 31 -7.66 -2.12 9.46
C GLY A 31 -7.13 -1.14 8.44
N ILE A 32 -7.55 0.12 8.65
CA ILE A 32 -7.11 1.29 7.87
C ILE A 32 -6.70 2.38 8.84
N ILE A 33 -5.49 2.88 8.76
CA ILE A 33 -5.04 4.01 9.56
C ILE A 33 -5.49 5.31 8.89
N THR A 34 -6.20 6.17 9.65
CA THR A 34 -6.64 7.43 9.11
C THR A 34 -6.14 8.59 9.97
N ILE A 35 -6.18 9.78 9.40
CA ILE A 35 -5.97 11.03 10.13
C ILE A 35 -7.33 11.71 10.21
N GLY A 36 -7.81 11.76 11.47
CA GLY A 36 -9.18 12.28 11.64
C GLY A 36 -10.28 11.29 11.30
N GLY A 37 -11.49 11.85 11.20
CA GLY A 37 -12.69 11.05 11.08
C GLY A 37 -12.99 10.54 9.72
N VAL A 38 -14.01 9.71 9.61
CA VAL A 38 -14.37 9.01 8.39
C VAL A 38 -15.88 9.05 8.11
N SER A 39 -16.55 10.12 8.58
CA SER A 39 -18.00 10.16 8.45
C SER A 39 -18.44 10.20 7.00
N GLN A 40 -17.82 11.04 6.17
CA GLN A 40 -18.22 11.01 4.76
C GLN A 40 -17.75 9.71 4.11
N THR A 41 -16.56 9.24 4.46
CA THR A 41 -16.05 7.99 3.93
C THR A 41 -17.02 6.86 4.13
N LEU A 42 -17.68 6.75 5.29
CA LEU A 42 -18.63 5.65 5.49
C LEU A 42 -19.85 5.74 4.62
N GLN A 43 -20.30 6.97 4.29
CA GLN A 43 -21.40 7.19 3.33
C GLN A 43 -20.97 6.79 1.93
N ASP A 44 -19.74 7.16 1.55
CA ASP A 44 -19.19 6.81 0.23
C ASP A 44 -19.01 5.29 0.15
N LEU A 45 -18.68 4.64 1.27
CA LEU A 45 -18.55 3.17 1.27
C LEU A 45 -19.90 2.48 1.05
N GLN A 46 -20.95 3.02 1.66
CA GLN A 46 -22.29 2.54 1.43
C GLN A 46 -22.69 2.70 -0.04
N GLN A 47 -22.38 3.84 -0.63
CA GLN A 47 -22.60 4.06 -2.05
C GLN A 47 -21.85 3.00 -2.86
N PHE A 48 -20.60 2.76 -2.51
CA PHE A 48 -19.79 1.78 -3.19
C PHE A 48 -20.41 0.39 -3.11
N THR A 49 -20.72 -0.11 -1.91
CA THR A 49 -21.23 -1.49 -1.86
C THR A 49 -22.60 -1.57 -2.53
N SER A 50 -23.44 -0.58 -2.26
CA SER A 50 -24.77 -0.63 -2.86
C SER A 50 -24.74 -0.58 -4.38
N ALA A 51 -23.94 0.35 -4.95
CA ALA A 51 -23.90 0.42 -6.41
C ALA A 51 -23.39 -0.88 -7.03
N ASN A 52 -22.45 -1.55 -6.36
CA ASN A 52 -21.86 -2.76 -6.90
C ASN A 52 -22.66 -3.98 -6.51
N GLY A 53 -23.80 -3.81 -5.83
CA GLY A 53 -24.67 -4.94 -5.52
C GLY A 53 -24.08 -5.86 -4.49
N LEU A 54 -23.18 -5.38 -3.68
CA LEU A 54 -22.55 -6.19 -2.66
C LEU A 54 -23.23 -6.09 -1.31
N ALA A 55 -23.05 -7.17 -0.52
CA ALA A 55 -23.48 -7.12 0.86
C ALA A 55 -22.78 -5.97 1.56
N SER A 56 -23.47 -5.33 2.52
CA SER A 56 -22.83 -4.22 3.21
C SER A 56 -21.64 -4.69 4.04
N VAL A 57 -20.68 -3.78 4.24
CA VAL A 57 -19.48 -4.06 5.04
C VAL A 57 -19.66 -3.64 6.49
N ASN A 58 -19.31 -4.53 7.43
CA ASN A 58 -19.31 -4.23 8.85
C ASN A 58 -18.10 -3.33 9.15
N THR A 59 -18.35 -2.16 9.70
CA THR A 59 -17.29 -1.19 9.98
C THR A 59 -17.32 -0.85 11.48
N GLN A 60 -16.15 -0.42 11.94
CA GLN A 60 -16.00 0.20 13.25
C GLN A 60 -15.02 1.36 13.13
N THR A 61 -15.27 2.40 13.91
CA THR A 61 -14.36 3.52 13.98
C THR A 61 -13.79 3.60 15.38
N ILE A 62 -12.49 3.83 15.43
CA ILE A 62 -11.80 3.78 16.73
C ILE A 62 -11.06 5.10 16.94
N GLN A 63 -11.48 5.79 18.03
CA GLN A 63 -10.72 6.96 18.47
C GLN A 63 -9.47 6.45 19.19
N THR A 64 -8.31 6.67 18.55
CA THR A 64 -7.10 6.05 19.08
C THR A 64 -6.39 6.88 20.13
N GLY A 65 -6.73 8.14 20.35
CA GLY A 65 -5.98 8.98 21.28
C GLY A 65 -6.93 9.46 22.35
N SER A 66 -6.72 10.67 22.83
CA SER A 66 -7.57 11.31 23.81
C SER A 66 -9.04 11.29 23.44
N SER A 67 -9.93 10.97 24.40
CA SER A 67 -11.37 11.01 24.15
C SER A 67 -11.90 12.40 23.89
N ASN A 68 -11.07 13.38 24.23
CA ASN A 68 -11.29 14.77 23.91
C ASN A 68 -10.51 15.22 22.67
N GLY A 69 -9.95 14.32 21.88
CA GLY A 69 -9.21 14.68 20.67
C GLY A 69 -10.14 15.12 19.55
N ASP A 70 -9.54 15.57 18.47
CA ASP A 70 -10.24 16.00 17.28
C ASP A 70 -10.26 14.89 16.24
N TYR A 71 -11.46 14.32 16.10
CA TYR A 71 -11.71 13.26 15.13
C TYR A 71 -12.72 13.74 14.11
N SER A 72 -12.81 15.06 13.91
CA SER A 72 -13.60 15.59 12.81
C SER A 72 -13.05 15.08 11.49
N ASP A 73 -13.91 15.05 10.48
CA ASP A 73 -13.46 14.68 9.16
C ASP A 73 -12.52 15.74 8.58
N ASP A 74 -11.43 15.29 8.03
CA ASP A 74 -10.58 16.10 7.16
C ASP A 74 -11.16 15.92 5.74
N GLN A 75 -11.59 17.01 5.13
CA GLN A 75 -12.31 16.90 3.88
C GLN A 75 -11.45 16.25 2.81
N GLN A 76 -10.22 16.74 2.61
CA GLN A 76 -9.36 16.11 1.61
C GLN A 76 -9.03 14.68 2.01
N GLY A 77 -8.90 14.43 3.30
CA GLY A 77 -8.60 13.10 3.81
C GLY A 77 -9.66 12.09 3.42
N GLN A 78 -10.93 12.53 3.33
CA GLN A 78 -11.94 11.54 2.97
C GLN A 78 -11.65 10.84 1.65
N GLY A 79 -11.10 11.57 0.69
CA GLY A 79 -10.72 10.93 -0.59
C GLY A 79 -9.69 9.83 -0.38
N GLU A 80 -8.75 10.01 0.57
CA GLU A 80 -7.82 8.94 0.85
C GLU A 80 -8.51 7.77 1.51
N TRP A 81 -9.37 8.02 2.52
CA TRP A 81 -9.99 6.88 3.21
C TRP A 81 -10.99 6.19 2.29
N ASP A 82 -11.57 6.92 1.35
CA ASP A 82 -12.42 6.40 0.30
C ASP A 82 -11.66 5.46 -0.63
N LEU A 83 -10.54 5.96 -1.13
CA LEU A 83 -9.65 5.15 -1.98
C LEU A 83 -9.27 3.86 -1.26
N ASP A 84 -8.88 4.01 0.00
CA ASP A 84 -8.37 2.85 0.74
C ASP A 84 -9.47 1.80 0.96
N SER A 85 -10.61 2.26 1.50
CA SER A 85 -11.67 1.33 1.83
C SER A 85 -12.30 0.67 0.59
N GLN A 86 -12.60 1.45 -0.41
CA GLN A 86 -13.22 0.86 -1.61
C GLN A 86 -12.24 -0.06 -2.33
N SER A 87 -10.97 0.29 -2.40
CA SER A 87 -9.98 -0.57 -3.08
C SER A 87 -9.75 -1.85 -2.29
N ILE A 88 -9.71 -1.77 -0.97
CA ILE A 88 -9.59 -2.99 -0.16
C ILE A 88 -10.77 -3.90 -0.44
N VAL A 89 -11.99 -3.34 -0.31
CA VAL A 89 -13.16 -4.22 -0.42
C VAL A 89 -13.29 -4.80 -1.83
N GLY A 90 -13.01 -4.00 -2.85
CA GLY A 90 -13.00 -4.56 -4.18
C GLY A 90 -12.00 -5.69 -4.41
N SER A 91 -10.76 -5.38 -3.96
CA SER A 91 -9.69 -6.35 -4.14
C SER A 91 -9.93 -7.65 -3.37
N ALA A 92 -10.56 -7.51 -2.21
CA ALA A 92 -10.93 -8.62 -1.36
C ALA A 92 -12.03 -9.50 -1.92
N GLY A 93 -12.57 -9.14 -3.09
CA GLY A 93 -13.66 -9.93 -3.67
C GLY A 93 -15.01 -9.51 -3.14
N GLY A 94 -15.13 -8.32 -2.56
CA GLY A 94 -16.41 -7.77 -2.15
C GLY A 94 -16.83 -8.04 -0.73
N ALA A 95 -15.95 -8.63 0.10
CA ALA A 95 -16.28 -8.94 1.49
C ALA A 95 -15.00 -8.91 2.34
N VAL A 96 -15.13 -8.31 3.50
CA VAL A 96 -14.15 -8.40 4.58
C VAL A 96 -14.90 -8.73 5.86
N GLN A 97 -14.27 -9.36 6.85
CA GLN A 97 -15.00 -9.66 8.07
C GLN A 97 -15.51 -8.41 8.75
N GLN A 98 -14.60 -7.47 8.85
CA GLN A 98 -14.87 -6.14 9.41
C GLN A 98 -13.79 -5.19 8.90
N LEU A 99 -14.15 -3.92 8.73
CA LEU A 99 -13.20 -2.90 8.41
C LEU A 99 -13.13 -1.94 9.60
N LEU A 100 -11.93 -1.86 10.18
CA LEU A 100 -11.70 -1.04 11.33
C LEU A 100 -10.93 0.21 10.92
N PHE A 101 -11.46 1.37 11.22
CA PHE A 101 -10.80 2.65 10.97
C PHE A 101 -10.15 3.15 12.24
N TYR A 102 -8.81 3.11 12.28
CA TYR A 102 -8.02 3.56 13.42
C TYR A 102 -7.67 5.02 13.19
N MET A 103 -8.46 5.87 13.82
CA MET A 103 -8.40 7.30 13.60
C MET A 103 -7.42 8.02 14.53
N ALA A 104 -6.47 8.71 13.90
CA ALA A 104 -5.54 9.57 14.59
C ALA A 104 -6.18 10.87 15.05
N ASP A 105 -5.91 11.24 16.29
CA ASP A 105 -6.33 12.51 16.85
C ASP A 105 -5.61 13.64 16.12
N GLN A 106 -6.31 14.62 15.58
CA GLN A 106 -5.69 15.73 14.85
C GLN A 106 -5.21 16.89 15.70
N SER A 107 -5.49 16.86 16.99
CA SER A 107 -5.10 17.92 17.89
C SER A 107 -3.97 17.50 18.81
N ALA A 108 -3.39 16.32 18.57
CA ALA A 108 -2.21 15.86 19.29
C ALA A 108 -0.96 16.53 18.74
N SER A 109 0.04 16.58 19.63
CA SER A 109 1.32 17.22 19.35
C SER A 109 2.08 16.47 18.29
N GLY A 110 2.76 17.17 17.38
CA GLY A 110 3.60 16.53 16.39
C GLY A 110 2.96 15.40 15.62
N ASN A 111 3.70 14.30 15.59
CA ASN A 111 3.16 13.14 14.92
C ASN A 111 2.58 12.15 15.94
N THR A 112 2.35 12.69 17.15
CA THR A 112 1.94 11.72 18.16
C THR A 112 0.56 11.15 17.93
N GLY A 113 -0.34 11.85 17.27
CA GLY A 113 -1.67 11.29 16.97
C GLY A 113 -1.53 10.05 16.07
N LEU A 114 -0.70 10.18 15.03
CA LEU A 114 -0.49 9.07 14.11
C LEU A 114 0.18 7.91 14.81
N THR A 115 1.20 8.21 15.61
CA THR A 115 1.85 7.14 16.35
C THR A 115 0.87 6.36 17.21
N GLN A 116 0.00 7.06 17.89
CA GLN A 116 -0.99 6.44 18.76
C GLN A 116 -1.98 5.62 17.92
N ALA A 117 -2.29 6.00 16.67
CA ALA A 117 -3.16 5.19 15.83
C ALA A 117 -2.49 3.86 15.48
N PHE A 118 -1.21 3.89 15.09
CA PHE A 118 -0.49 2.64 14.88
C PHE A 118 -0.47 1.79 16.15
N ASN A 119 -0.16 2.43 17.26
CA ASN A 119 -0.10 1.75 18.56
C ASN A 119 -1.41 1.01 18.90
N GLN A 120 -2.55 1.68 18.70
CA GLN A 120 -3.81 1.08 19.04
C GLN A 120 -4.07 -0.14 18.18
N ALA A 121 -3.77 -0.06 16.89
CA ALA A 121 -3.98 -1.21 16.02
C ALA A 121 -3.15 -2.42 16.45
N VAL A 122 -1.91 -2.19 16.88
CA VAL A 122 -1.05 -3.26 17.37
C VAL A 122 -1.48 -3.76 18.74
N SER A 123 -1.82 -2.85 19.64
CA SER A 123 -2.26 -3.24 20.96
C SER A 123 -3.51 -4.10 20.93
N ASP A 124 -4.47 -3.64 20.14
CA ASP A 124 -5.73 -4.37 20.03
C ASP A 124 -5.52 -5.74 19.39
N ASN A 125 -4.67 -5.80 18.37
CA ASN A 125 -4.31 -7.05 17.71
C ASN A 125 -5.56 -7.82 17.27
N VAL A 126 -6.47 -7.09 16.64
CA VAL A 126 -7.67 -7.73 16.07
C VAL A 126 -7.62 -7.74 14.54
N ALA A 127 -7.03 -6.70 13.92
CA ALA A 127 -6.87 -6.71 12.48
C ALA A 127 -5.64 -7.51 12.05
N LYS A 128 -5.82 -8.42 11.10
CA LYS A 128 -4.68 -9.16 10.61
C LYS A 128 -3.81 -8.38 9.64
N VAL A 129 -4.41 -7.48 8.89
CA VAL A 129 -3.77 -6.71 7.85
C VAL A 129 -4.25 -5.26 8.04
N ILE A 130 -3.31 -4.32 7.99
CA ILE A 130 -3.62 -2.91 8.21
C ILE A 130 -3.00 -2.06 7.10
N ASN A 131 -3.82 -1.24 6.47
CA ASN A 131 -3.42 -0.34 5.41
C ASN A 131 -2.90 1.00 5.94
N VAL A 132 -1.79 1.47 5.40
CA VAL A 132 -1.24 2.78 5.68
C VAL A 132 -0.88 3.50 4.38
N SER A 133 -1.83 4.29 3.84
CA SER A 133 -1.61 5.01 2.61
C SER A 133 -1.14 6.44 2.91
N LEU A 134 0.03 6.48 3.59
CA LEU A 134 0.57 7.68 4.15
C LEU A 134 2.11 7.61 4.16
N GLY A 135 2.75 8.79 4.15
CA GLY A 135 4.17 8.82 4.40
C GLY A 135 4.74 10.18 4.15
N TRP A 136 6.01 10.27 4.55
CA TRP A 136 6.77 11.50 4.41
C TRP A 136 8.25 11.17 4.57
N CYS A 137 9.05 12.15 4.22
CA CYS A 137 10.50 12.00 4.22
C CYS A 137 11.05 11.26 5.44
N GLU A 138 11.73 10.14 5.27
CA GLU A 138 12.17 9.39 6.44
C GLU A 138 13.14 10.19 7.30
N ALA A 139 13.92 11.08 6.69
CA ALA A 139 14.89 11.84 7.45
C ALA A 139 14.22 12.82 8.40
N ASP A 140 13.06 13.33 8.03
CA ASP A 140 12.28 14.21 8.89
C ASP A 140 11.71 13.37 10.04
N ALA A 141 11.17 12.20 9.75
CA ALA A 141 10.67 11.30 10.80
C ALA A 141 11.81 10.93 11.73
N ASN A 142 13.00 10.74 11.19
CA ASN A 142 14.14 10.39 12.03
C ASN A 142 14.50 11.56 12.95
N ALA A 143 14.52 12.76 12.41
CA ALA A 143 15.07 13.88 13.16
C ALA A 143 14.31 14.21 14.41
N ASP A 144 13.01 13.97 14.41
CA ASP A 144 12.19 14.34 15.56
C ASP A 144 11.79 13.16 16.44
N GLY A 145 12.36 11.99 16.14
CA GLY A 145 12.12 10.79 16.89
C GLY A 145 10.92 9.99 16.52
N THR A 146 10.18 10.45 15.52
CA THR A 146 8.98 9.68 15.13
C THR A 146 9.36 8.31 14.62
N LEU A 147 10.42 8.24 13.82
CA LEU A 147 10.81 6.96 13.24
C LEU A 147 11.01 5.94 14.33
N GLN A 148 11.83 6.26 15.31
CA GLN A 148 12.17 5.33 16.36
C GLN A 148 10.95 4.90 17.13
N ALA A 149 10.08 5.83 17.43
CA ALA A 149 8.88 5.48 18.20
C ALA A 149 7.96 4.53 17.42
N GLU A 150 7.77 4.88 16.15
CA GLU A 150 6.86 4.08 15.32
C GLU A 150 7.48 2.73 14.97
N ASP A 151 8.80 2.64 14.77
CA ASP A 151 9.38 1.34 14.40
C ASP A 151 9.19 0.32 15.53
N ARG A 152 9.24 0.77 16.79
CA ARG A 152 8.97 -0.15 17.88
C ARG A 152 7.60 -0.81 17.77
N ILE A 153 6.61 -0.02 17.39
CA ILE A 153 5.24 -0.46 17.23
C ILE A 153 5.14 -1.45 16.07
N PHE A 154 5.73 -1.12 14.93
CA PHE A 154 5.68 -2.05 13.80
C PHE A 154 6.42 -3.35 14.12
N ALA A 155 7.52 -3.25 14.87
CA ALA A 155 8.23 -4.47 15.26
C ALA A 155 7.33 -5.41 16.07
N THR A 156 6.54 -4.82 16.98
CA THR A 156 5.60 -5.62 17.76
C THR A 156 4.58 -6.24 16.84
N ALA A 157 4.11 -5.45 15.87
CA ALA A 157 3.12 -5.99 14.93
C ALA A 157 3.65 -7.22 14.21
N ALA A 158 4.87 -7.06 13.65
CA ALA A 158 5.42 -8.19 12.93
C ALA A 158 5.55 -9.41 13.82
N ALA A 159 5.98 -9.24 15.05
CA ALA A 159 6.20 -10.38 15.96
C ALA A 159 4.90 -11.09 16.29
N GLN A 160 3.82 -10.31 16.27
CA GLN A 160 2.52 -10.94 16.57
C GLN A 160 1.79 -11.37 15.30
N GLY A 161 2.44 -11.30 14.16
CA GLY A 161 1.86 -11.85 12.95
C GLY A 161 0.94 -10.92 12.18
N GLN A 162 0.92 -9.64 12.49
CA GLN A 162 0.13 -8.66 11.75
C GLN A 162 0.96 -8.13 10.57
N THR A 163 0.28 -7.86 9.45
CA THR A 163 0.89 -7.25 8.28
C THR A 163 0.44 -5.79 8.15
N PHE A 164 1.32 -4.83 8.39
CA PHE A 164 1.13 -3.47 7.94
C PHE A 164 1.64 -3.35 6.49
N SER A 165 0.78 -2.77 5.67
CA SER A 165 1.07 -2.45 4.26
C SER A 165 1.16 -0.96 4.12
N VAL A 166 2.27 -0.44 3.57
CA VAL A 166 2.49 0.97 3.50
C VAL A 166 2.87 1.39 2.08
N SER A 167 2.15 2.41 1.61
CA SER A 167 2.51 3.01 0.32
C SER A 167 3.95 3.49 0.29
N SER A 168 4.65 3.22 -0.82
CA SER A 168 6.06 3.55 -0.89
C SER A 168 6.35 5.01 -1.13
N GLY A 169 5.36 5.77 -1.59
CA GLY A 169 5.51 7.18 -1.90
C GLY A 169 5.09 7.54 -3.31
N ASP A 170 4.81 8.85 -3.46
CA ASP A 170 4.26 9.36 -4.72
C ASP A 170 5.20 10.37 -5.36
N GLU A 171 6.44 10.43 -4.87
CA GLU A 171 7.40 11.49 -5.17
C GLU A 171 8.59 10.93 -5.95
N GLY A 172 8.43 9.71 -6.45
CA GLY A 172 9.56 9.00 -6.99
C GLY A 172 10.74 9.04 -6.03
N VAL A 173 11.95 9.21 -6.54
CA VAL A 173 13.16 9.32 -5.74
C VAL A 173 13.29 10.64 -4.99
N TYR A 174 12.40 11.60 -5.11
CA TYR A 174 12.59 12.93 -4.55
C TYR A 174 11.71 13.20 -3.34
N GLU A 175 11.55 12.18 -2.49
CA GLU A 175 10.69 12.33 -1.31
C GLU A 175 11.07 13.50 -0.40
N CYS A 176 12.37 13.68 -0.14
CA CYS A 176 12.80 14.63 0.85
C CYS A 176 13.01 16.03 0.30
N ASN A 177 12.87 16.21 -1.00
CA ASN A 177 13.05 17.53 -1.62
C ASN A 177 11.70 18.25 -1.75
N ASN A 178 11.26 18.80 -0.63
CA ASN A 178 9.93 19.39 -0.53
C ASN A 178 8.83 18.52 -1.13
N ARG A 179 8.92 17.22 -0.81
CA ARG A 179 7.88 16.27 -1.23
C ARG A 179 7.72 16.24 -2.73
N GLY A 180 8.82 15.89 -3.42
CA GLY A 180 8.80 15.54 -4.83
C GLY A 180 9.30 16.50 -5.86
N TYR A 181 10.03 17.55 -5.48
CA TYR A 181 10.59 18.41 -6.52
C TYR A 181 11.86 17.80 -7.09
N PRO A 182 12.05 17.81 -8.41
CA PRO A 182 13.26 17.20 -8.98
C PRO A 182 14.52 17.73 -8.35
N ASP A 183 15.45 16.84 -8.06
CA ASP A 183 16.68 17.16 -7.34
C ASP A 183 17.84 16.38 -7.93
N GLY A 184 17.82 16.15 -9.25
CA GLY A 184 19.00 15.57 -9.85
C GLY A 184 19.29 14.19 -9.31
N SER A 185 20.53 13.97 -8.90
CA SER A 185 20.96 12.67 -8.44
C SER A 185 20.73 12.41 -6.94
N THR A 186 20.04 13.34 -6.28
CA THR A 186 19.78 13.24 -4.84
C THR A 186 18.47 12.51 -4.57
N TYR A 187 18.61 11.30 -4.03
CA TYR A 187 17.50 10.35 -3.90
C TYR A 187 17.23 10.07 -2.41
N SER A 188 15.96 9.82 -2.10
CA SER A 188 15.50 9.66 -0.75
C SER A 188 14.23 8.80 -0.75
N VAL A 189 13.82 8.37 0.44
CA VAL A 189 12.67 7.50 0.57
C VAL A 189 11.74 7.98 1.71
N SER A 190 10.54 7.38 1.68
CA SER A 190 9.43 7.64 2.58
C SER A 190 9.37 6.70 3.78
N TRP A 191 8.98 7.26 4.92
CA TRP A 191 8.59 6.63 6.16
C TRP A 191 7.07 6.63 6.26
N PRO A 192 6.36 5.61 6.71
CA PRO A 192 6.96 4.40 7.25
C PRO A 192 7.26 3.26 6.30
N ALA A 193 7.25 3.49 4.99
CA ALA A 193 7.57 2.43 4.05
C ALA A 193 8.99 1.86 4.26
N SER A 194 9.93 2.71 4.70
CA SER A 194 11.31 2.25 4.84
C SER A 194 11.49 1.37 6.07
N SER A 195 10.49 1.18 6.92
CA SER A 195 10.60 0.23 8.01
C SER A 195 10.73 -1.19 7.51
N PRO A 196 11.62 -1.98 8.11
CA PRO A 196 11.72 -3.41 7.74
C PRO A 196 10.64 -4.28 8.28
N ASN A 197 9.80 -3.84 9.17
CA ASN A 197 8.66 -4.32 9.88
C ASN A 197 7.28 -4.08 9.22
N VAL A 198 7.29 -3.55 7.99
CA VAL A 198 6.09 -3.38 7.19
C VAL A 198 6.36 -3.89 5.77
N ILE A 199 5.30 -4.12 5.01
CA ILE A 199 5.40 -4.40 3.58
C ILE A 199 5.24 -3.06 2.87
N ALA A 200 6.27 -2.67 2.12
CA ALA A 200 6.23 -1.47 1.33
C ALA A 200 5.74 -1.77 -0.09
N VAL A 201 4.75 -0.99 -0.51
CA VAL A 201 4.06 -1.28 -1.77
C VAL A 201 4.22 -0.09 -2.73
N GLY A 202 4.92 -0.39 -3.82
CA GLY A 202 5.13 0.57 -4.88
C GLY A 202 4.06 0.53 -5.97
N GLY A 203 4.36 1.26 -7.08
CA GLY A 203 3.34 1.62 -8.04
C GLY A 203 3.67 1.31 -9.48
N THR A 204 2.65 0.83 -10.17
CA THR A 204 2.74 0.52 -11.57
C THR A 204 1.75 1.32 -12.41
N THR A 205 2.04 1.30 -13.70
CA THR A 205 1.12 1.69 -14.75
C THR A 205 0.58 0.40 -15.31
N LEU A 206 -0.69 0.10 -15.25
CA LEU A 206 -1.50 -1.05 -15.46
C LEU A 206 -2.22 -0.95 -16.83
N TYR A 207 -1.86 -1.87 -17.70
CA TYR A 207 -2.48 -2.02 -18.99
C TYR A 207 -3.31 -3.30 -18.98
N THR A 208 -4.54 -3.20 -19.50
CA THR A 208 -5.47 -4.30 -19.60
C THR A 208 -5.87 -4.51 -21.05
N THR A 209 -6.32 -5.73 -21.32
CA THR A 209 -6.80 -6.11 -22.63
C THR A 209 -8.24 -5.62 -22.82
N SER A 210 -8.72 -5.71 -24.06
CA SER A 210 -10.04 -5.24 -24.39
C SER A 210 -11.06 -6.04 -23.60
N ALA A 211 -10.76 -7.27 -23.29
CA ALA A 211 -11.64 -8.10 -22.46
C ALA A 211 -11.44 -7.87 -20.97
N GLY A 212 -10.52 -7.01 -20.60
CA GLY A 212 -10.33 -6.57 -19.23
C GLY A 212 -9.34 -7.38 -18.46
N ALA A 213 -8.67 -8.26 -19.16
CA ALA A 213 -7.64 -9.05 -18.52
C ALA A 213 -6.33 -8.32 -18.34
N TYR A 214 -5.50 -8.81 -17.44
CA TYR A 214 -4.16 -8.27 -17.32
C TYR A 214 -3.43 -8.26 -18.67
N SER A 215 -2.78 -7.16 -19.02
CA SER A 215 -1.89 -7.15 -20.18
C SER A 215 -0.43 -6.99 -19.76
N ASN A 216 -0.13 -5.86 -19.10
CA ASN A 216 1.24 -5.61 -18.69
C ASN A 216 1.24 -4.44 -17.71
N GLU A 217 2.38 -4.32 -17.02
CA GLU A 217 2.65 -3.23 -16.10
C GLU A 217 4.01 -2.62 -16.35
N THR A 218 4.06 -1.30 -16.34
CA THR A 218 5.30 -0.56 -16.35
C THR A 218 5.46 0.22 -15.06
N VAL A 219 6.61 0.88 -14.85
CA VAL A 219 6.72 1.71 -13.66
C VAL A 219 5.68 2.81 -13.68
N TRP A 220 5.12 3.17 -12.52
CA TRP A 220 4.36 4.41 -12.39
C TRP A 220 5.31 5.63 -12.38
N ASN A 221 5.18 6.45 -13.43
CA ASN A 221 5.82 7.74 -13.47
C ASN A 221 5.03 8.61 -14.46
N GLU A 222 4.26 9.54 -13.92
CA GLU A 222 3.44 10.44 -14.72
C GLU A 222 4.03 11.83 -14.84
N GLY A 223 5.31 12.00 -14.50
CA GLY A 223 6.02 13.25 -14.75
C GLY A 223 5.57 14.32 -13.77
N LEU A 224 5.77 15.57 -14.18
CA LEU A 224 5.55 16.70 -13.32
C LEU A 224 4.15 17.29 -13.49
N ASP A 225 3.60 17.71 -12.33
CA ASP A 225 2.35 18.46 -12.38
C ASP A 225 2.65 19.92 -12.66
N SER A 226 1.60 20.73 -12.65
CA SER A 226 1.72 22.13 -12.99
C SER A 226 2.53 22.96 -11.97
N ASN A 227 2.72 22.41 -10.79
CA ASN A 227 3.61 23.05 -9.85
C ASN A 227 5.06 22.62 -10.01
N GLY A 228 5.33 21.60 -10.82
CA GLY A 228 6.67 21.09 -10.99
C GLY A 228 7.00 19.94 -10.07
N LYS A 229 6.03 19.34 -9.40
CA LYS A 229 6.22 18.19 -8.54
C LYS A 229 6.10 16.88 -9.31
N LEU A 230 7.00 15.95 -9.05
CA LEU A 230 7.00 14.64 -9.66
C LEU A 230 5.96 13.71 -9.01
N TRP A 231 5.25 12.97 -9.86
CA TRP A 231 4.30 11.94 -9.48
C TRP A 231 4.81 10.59 -9.99
N ALA A 232 5.39 9.79 -9.10
CA ALA A 232 6.01 8.52 -9.49
C ALA A 232 6.17 7.67 -8.23
N THR A 233 6.38 6.38 -8.46
CA THR A 233 6.53 5.42 -7.39
C THR A 233 7.77 5.65 -6.56
N GLY A 234 7.57 5.70 -5.23
CA GLY A 234 8.70 5.73 -4.32
C GLY A 234 9.47 4.44 -4.35
N GLY A 235 10.79 4.54 -4.29
CA GLY A 235 11.64 3.37 -4.29
C GLY A 235 13.09 3.79 -4.12
N GLY A 236 13.85 2.90 -3.52
CA GLY A 236 15.23 3.20 -3.16
C GLY A 236 15.61 2.37 -1.96
N TYR A 237 16.39 2.97 -1.07
CA TYR A 237 16.77 2.24 0.16
C TYR A 237 16.78 3.29 1.29
N SER A 238 16.52 2.78 2.50
CA SER A 238 16.63 3.64 3.68
C SER A 238 18.07 4.02 3.96
N VAL A 239 18.26 5.26 4.40
CA VAL A 239 19.59 5.65 4.84
C VAL A 239 19.83 5.18 6.30
N TYR A 240 18.80 4.80 7.02
CA TYR A 240 18.93 4.47 8.41
C TYR A 240 18.80 2.98 8.69
N GLU A 241 17.77 2.35 8.16
CA GLU A 241 17.43 1.00 8.48
C GLU A 241 18.38 0.01 7.79
N SER A 242 18.89 -0.93 8.58
CA SER A 242 19.75 -1.98 8.08
C SER A 242 18.95 -2.96 7.21
N LYS A 243 19.66 -3.62 6.30
CA LYS A 243 19.01 -4.65 5.50
C LYS A 243 18.56 -5.84 6.33
N PRO A 244 17.28 -6.19 6.29
CA PRO A 244 16.87 -7.47 6.89
C PRO A 244 17.46 -8.62 6.09
N SER A 245 17.77 -9.71 6.77
CA SER A 245 18.58 -10.75 6.09
C SER A 245 17.90 -11.36 4.88
N TRP A 246 16.56 -11.37 4.86
CA TRP A 246 15.87 -11.98 3.74
C TRP A 246 16.07 -11.21 2.44
N GLN A 247 16.48 -9.93 2.51
CA GLN A 247 16.77 -9.14 1.31
C GLN A 247 18.14 -9.39 0.71
N SER A 248 18.94 -10.25 1.36
CA SER A 248 20.26 -10.59 0.85
C SER A 248 20.15 -11.23 -0.53
N VAL A 249 19.01 -11.78 -0.88
CA VAL A 249 18.85 -12.39 -2.21
C VAL A 249 18.90 -11.36 -3.33
N VAL A 250 18.74 -10.07 -3.02
CA VAL A 250 18.95 -9.03 -4.04
C VAL A 250 20.41 -8.61 -3.97
N SER A 251 21.30 -9.23 -4.75
CA SER A 251 22.74 -8.97 -4.61
C SER A 251 23.06 -7.62 -5.25
N GLY A 252 24.14 -7.07 -4.72
CA GLY A 252 24.68 -5.86 -5.29
C GLY A 252 23.98 -4.59 -4.86
N THR A 253 23.39 -4.64 -3.68
CA THR A 253 22.65 -3.54 -3.06
C THR A 253 23.28 -3.21 -1.70
N PRO A 254 23.06 -1.99 -1.18
CA PRO A 254 23.68 -1.63 0.08
C PRO A 254 23.07 -2.40 1.25
N GLY A 255 23.76 -2.26 2.40
CA GLY A 255 23.33 -2.91 3.61
C GLY A 255 22.20 -2.20 4.33
N ARG A 256 21.18 -1.84 3.58
CA ARG A 256 20.05 -1.04 4.01
C ARG A 256 18.75 -1.71 3.61
N ARG A 257 17.66 -1.37 4.27
CA ARG A 257 16.33 -1.81 3.86
C ARG A 257 16.02 -1.25 2.47
N LEU A 258 15.84 -2.15 1.51
CA LEU A 258 15.50 -1.81 0.13
C LEU A 258 13.99 -1.72 0.00
N LEU A 259 13.45 -0.79 -0.78
CA LEU A 259 11.99 -0.75 -0.94
C LEU A 259 11.64 -0.27 -2.33
N PRO A 260 10.46 -0.58 -2.86
CA PRO A 260 9.40 -1.36 -2.20
C PRO A 260 9.64 -2.85 -2.24
N ASP A 261 8.78 -3.59 -1.58
CA ASP A 261 8.84 -5.06 -1.66
C ASP A 261 8.11 -5.59 -2.87
N ILE A 262 6.92 -5.09 -3.14
CA ILE A 262 5.98 -5.45 -4.20
C ILE A 262 5.30 -4.16 -4.66
N SER A 263 4.61 -4.25 -5.80
CA SER A 263 3.90 -3.12 -6.36
C SER A 263 2.59 -3.52 -7.02
N PHE A 264 1.65 -2.58 -7.06
CA PHE A 264 0.37 -2.76 -7.75
C PHE A 264 0.03 -1.44 -8.46
N ASP A 265 -1.11 -1.43 -9.13
CA ASP A 265 -1.57 -0.26 -9.86
C ASP A 265 -1.52 1.03 -9.04
N ALA A 266 -0.91 2.04 -9.65
CA ALA A 266 -0.79 3.35 -9.05
C ALA A 266 -0.98 4.49 -10.02
N ALA A 267 -0.84 4.35 -11.33
CA ALA A 267 -0.94 5.53 -12.19
C ALA A 267 -2.35 6.09 -12.16
N GLN A 268 -2.47 7.42 -12.07
CA GLN A 268 -3.82 7.98 -12.12
C GLN A 268 -4.48 7.59 -13.44
N GLY A 269 -3.68 7.61 -14.52
CA GLY A 269 -4.27 7.32 -15.84
C GLY A 269 -4.77 5.89 -15.95
N THR A 270 -4.40 5.02 -15.01
CA THR A 270 -4.89 3.63 -14.98
C THR A 270 -5.46 3.28 -13.62
N GLY A 271 -5.91 4.29 -12.91
CA GLY A 271 -6.29 4.26 -11.49
C GLY A 271 -7.67 3.73 -11.24
N ALA A 272 -8.11 3.90 -10.00
CA ALA A 272 -9.36 3.38 -9.55
C ALA A 272 -10.44 4.48 -9.61
N LEU A 273 -11.67 4.06 -9.93
CA LEU A 273 -12.87 4.89 -9.90
C LEU A 273 -13.45 4.80 -8.49
N ILE A 274 -13.41 5.91 -7.76
CA ILE A 274 -13.71 6.00 -6.34
C ILE A 274 -14.79 7.03 -6.10
N TYR A 275 -15.76 6.61 -5.27
CA TYR A 275 -16.79 7.53 -4.78
C TYR A 275 -16.22 8.43 -3.68
N ASN A 276 -16.26 9.75 -3.88
CA ASN A 276 -15.73 10.74 -2.93
C ASN A 276 -16.74 11.86 -2.82
N TYR A 277 -17.32 12.03 -1.64
CA TYR A 277 -18.38 13.00 -1.44
C TYR A 277 -19.47 12.79 -2.50
N GLY A 278 -19.73 11.51 -2.78
CA GLY A 278 -20.79 11.15 -3.69
C GLY A 278 -20.48 11.12 -5.16
N GLN A 279 -19.32 11.63 -5.52
CA GLN A 279 -18.95 11.77 -6.92
C GLN A 279 -17.78 10.87 -7.29
N LEU A 280 -17.85 10.26 -8.48
CA LEU A 280 -16.76 9.40 -8.85
C LEU A 280 -15.58 10.20 -9.36
N GLN A 281 -14.41 9.78 -8.93
CA GLN A 281 -13.14 10.36 -9.33
C GLN A 281 -12.20 9.21 -9.67
N GLN A 282 -11.31 9.43 -10.64
CA GLN A 282 -10.29 8.47 -11.01
C GLN A 282 -8.99 8.86 -10.29
N ILE A 283 -8.56 7.97 -9.39
CA ILE A 283 -7.55 8.24 -8.40
C ILE A 283 -6.47 7.16 -8.45
N GLY A 284 -5.21 7.58 -8.35
CA GLY A 284 -4.06 6.72 -8.26
C GLY A 284 -3.16 7.04 -7.07
N GLY A 285 -1.90 6.71 -7.25
CA GLY A 285 -0.87 6.80 -6.23
C GLY A 285 -0.53 5.46 -5.68
N THR A 286 0.59 5.41 -4.96
CA THR A 286 0.86 4.23 -4.14
C THR A 286 -0.15 4.12 -3.00
N SER A 287 -0.93 5.19 -2.74
CA SER A 287 -2.12 5.13 -1.88
C SER A 287 -3.18 4.16 -2.41
N LEU A 288 -3.18 3.88 -3.70
CA LEU A 288 -4.03 2.90 -4.34
C LEU A 288 -3.37 1.51 -4.27
N ALA A 289 -2.11 1.44 -4.58
CA ALA A 289 -1.40 0.17 -4.65
C ALA A 289 -1.44 -0.56 -3.32
N SER A 290 -1.21 0.13 -2.23
CA SER A 290 -1.20 -0.49 -0.91
C SER A 290 -2.56 -1.12 -0.60
N PRO A 291 -3.69 -0.44 -0.68
CA PRO A 291 -4.97 -1.13 -0.42
C PRO A 291 -5.26 -2.25 -1.39
N ILE A 292 -4.82 -2.25 -2.61
CA ILE A 292 -4.99 -3.40 -3.47
C ILE A 292 -4.29 -4.57 -2.81
N PHE A 293 -3.02 -4.41 -2.42
CA PHE A 293 -2.32 -5.46 -1.73
C PHE A 293 -3.06 -5.92 -0.48
N VAL A 294 -3.51 -4.98 0.34
CA VAL A 294 -4.19 -5.35 1.57
C VAL A 294 -5.40 -6.23 1.30
N GLY A 295 -6.26 -5.88 0.36
CA GLY A 295 -7.42 -6.69 0.05
C GLY A 295 -7.07 -8.06 -0.49
N LEU A 296 -6.08 -8.14 -1.39
CA LEU A 296 -5.65 -9.42 -1.94
C LEU A 296 -5.02 -10.32 -0.86
N TRP A 297 -4.18 -9.74 -0.03
CA TRP A 297 -3.52 -10.47 1.06
C TRP A 297 -4.54 -10.95 2.07
N ALA A 298 -5.54 -10.12 2.32
CA ALA A 298 -6.60 -10.56 3.26
C ALA A 298 -7.33 -11.77 2.70
N ARG A 299 -7.49 -11.94 1.40
CA ARG A 299 -8.06 -13.17 0.84
C ARG A 299 -7.20 -14.37 1.16
N LEU A 300 -5.88 -14.21 1.00
CA LEU A 300 -4.98 -15.31 1.30
C LEU A 300 -4.98 -15.64 2.77
N GLN A 301 -5.14 -14.65 3.66
CA GLN A 301 -5.31 -14.93 5.08
C GLN A 301 -6.56 -15.78 5.31
N SER A 302 -7.68 -15.34 4.71
CA SER A 302 -8.93 -16.09 4.89
C SER A 302 -8.75 -17.49 4.39
N ALA A 303 -8.00 -17.70 3.33
CA ALA A 303 -7.80 -19.05 2.78
C ALA A 303 -6.92 -19.92 3.67
N ASN A 304 -6.23 -19.29 4.61
CA ASN A 304 -5.26 -19.96 5.48
C ASN A 304 -5.55 -19.73 6.95
N SER A 305 -6.83 -19.52 7.28
CA SER A 305 -7.27 -19.41 8.65
C SER A 305 -6.53 -18.32 9.42
N ASN A 306 -6.18 -17.24 8.73
CA ASN A 306 -5.49 -16.11 9.33
C ASN A 306 -4.20 -16.52 10.02
N SER A 307 -3.57 -17.56 9.51
CA SER A 307 -2.40 -18.12 10.17
C SER A 307 -1.11 -17.71 9.50
N LEU A 308 -1.12 -16.89 8.47
CA LEU A 308 0.13 -16.46 7.84
C LEU A 308 0.70 -15.28 8.63
N GLY A 309 1.98 -15.43 8.97
CA GLY A 309 2.68 -14.41 9.71
C GLY A 309 3.14 -13.30 8.82
N PHE A 310 3.96 -12.43 9.41
CA PHE A 310 4.50 -11.30 8.61
C PHE A 310 5.26 -11.85 7.41
N PRO A 311 4.85 -11.51 6.18
CA PRO A 311 5.33 -12.27 5.04
C PRO A 311 6.58 -11.83 4.33
N ALA A 312 7.33 -10.86 4.83
CA ALA A 312 8.44 -10.34 4.04
C ALA A 312 9.45 -11.41 3.70
N ALA A 313 9.95 -12.16 4.68
CA ALA A 313 10.99 -13.16 4.39
C ALA A 313 10.46 -14.17 3.40
N SER A 314 9.22 -14.60 3.55
CA SER A 314 8.66 -15.59 2.62
C SER A 314 8.50 -15.00 1.20
N PHE A 315 8.11 -13.73 1.06
CA PHE A 315 8.04 -13.14 -0.29
C PHE A 315 9.40 -13.21 -0.97
N TYR A 316 10.46 -12.81 -0.24
CA TYR A 316 11.77 -12.78 -0.87
C TYR A 316 12.26 -14.17 -1.24
N SER A 317 12.09 -15.15 -0.37
CA SER A 317 12.57 -16.50 -0.70
C SER A 317 11.72 -17.11 -1.79
N ALA A 318 10.41 -16.96 -1.72
CA ALA A 318 9.50 -17.60 -2.66
C ALA A 318 9.65 -16.95 -4.04
N ILE A 319 9.64 -15.60 -4.09
CA ILE A 319 9.64 -14.98 -5.39
C ILE A 319 10.99 -15.12 -6.06
N SER A 320 12.10 -14.98 -5.33
CA SER A 320 13.42 -15.13 -5.94
C SER A 320 13.58 -16.50 -6.55
N SER A 321 13.00 -17.53 -5.95
CA SER A 321 13.12 -18.88 -6.43
C SER A 321 12.00 -19.28 -7.42
N THR A 322 10.94 -18.49 -7.51
CA THR A 322 9.70 -18.81 -8.20
C THR A 322 9.16 -17.59 -8.96
N PRO A 323 9.86 -17.23 -10.04
CA PRO A 323 9.45 -16.01 -10.75
C PRO A 323 8.01 -16.05 -11.24
N SER A 324 7.41 -17.22 -11.40
CA SER A 324 6.01 -17.27 -11.82
C SER A 324 5.02 -16.69 -10.84
N LEU A 325 5.41 -16.41 -9.63
CA LEU A 325 4.52 -15.82 -8.66
C LEU A 325 4.26 -14.33 -8.89
N VAL A 326 5.04 -13.68 -9.75
CA VAL A 326 4.88 -12.25 -9.92
C VAL A 326 4.82 -11.86 -11.38
N HIS A 327 4.29 -10.66 -11.61
CA HIS A 327 4.45 -9.95 -12.86
C HIS A 327 5.67 -9.03 -12.67
N ASP A 328 6.76 -9.40 -13.32
CA ASP A 328 8.00 -8.67 -13.18
C ASP A 328 7.99 -7.41 -14.03
N VAL A 329 7.96 -6.23 -13.44
CA VAL A 329 7.98 -4.97 -14.14
C VAL A 329 9.42 -4.76 -14.65
N LYS A 330 9.57 -4.41 -15.92
CA LYS A 330 10.89 -4.28 -16.55
C LYS A 330 11.11 -2.89 -17.17
N SER A 331 10.08 -2.09 -17.43
CA SER A 331 10.20 -0.86 -18.16
C SER A 331 9.81 0.37 -17.34
N GLY A 332 10.66 1.38 -17.31
CA GLY A 332 10.44 2.67 -16.76
C GLY A 332 11.40 3.05 -15.64
N ASN A 333 11.20 4.22 -15.06
CA ASN A 333 12.11 4.78 -14.09
C ASN A 333 11.28 5.62 -13.11
N ASN A 334 11.82 5.85 -11.93
CA ASN A 334 11.10 6.62 -10.92
C ASN A 334 11.78 7.94 -10.59
N GLY A 335 12.41 8.57 -11.55
CA GLY A 335 12.93 9.92 -11.43
C GLY A 335 12.46 10.87 -12.52
N TYR A 336 13.34 11.78 -12.92
CA TYR A 336 13.03 12.83 -13.86
C TYR A 336 14.33 13.30 -14.47
N GLY A 337 14.25 13.72 -15.73
CA GLY A 337 15.36 14.37 -16.38
C GLY A 337 16.58 13.47 -16.60
N GLY A 338 16.41 12.15 -16.66
CA GLY A 338 17.43 11.14 -16.84
C GLY A 338 17.93 10.53 -15.54
N TYR A 339 17.43 11.07 -14.43
CA TYR A 339 17.83 10.60 -13.12
C TYR A 339 16.78 9.60 -12.60
N GLY A 340 17.08 8.98 -11.48
CA GLY A 340 16.22 8.02 -10.82
C GLY A 340 16.66 6.59 -11.10
N TYR A 341 15.98 5.64 -10.48
CA TYR A 341 16.23 4.23 -10.71
C TYR A 341 15.42 3.66 -11.88
N ASN A 342 15.97 2.65 -12.52
CA ASN A 342 15.30 1.99 -13.65
C ASN A 342 14.76 0.64 -13.26
N ALA A 343 13.61 0.29 -13.80
CA ALA A 343 13.17 -1.09 -13.64
C ALA A 343 14.05 -2.02 -14.46
N GLY A 344 13.98 -3.31 -14.11
CA GLY A 344 14.77 -4.29 -14.82
C GLY A 344 14.33 -5.70 -14.44
N THR A 345 15.06 -6.69 -14.90
CA THR A 345 14.75 -8.07 -14.59
C THR A 345 14.85 -8.30 -13.10
N GLY A 346 13.84 -8.94 -12.53
CA GLY A 346 13.82 -9.27 -11.13
C GLY A 346 13.57 -8.02 -10.25
N TRP A 347 14.04 -8.07 -9.02
CA TRP A 347 13.77 -7.00 -8.06
C TRP A 347 14.40 -5.73 -8.57
N ASP A 348 13.70 -4.62 -8.52
CA ASP A 348 14.29 -3.32 -8.86
C ASP A 348 13.78 -2.26 -7.88
N TYR A 349 14.49 -1.09 -7.89
CA TYR A 349 14.12 -0.09 -6.94
C TYR A 349 12.77 0.60 -7.22
N PRO A 350 12.31 0.82 -8.46
CA PRO A 350 10.97 1.41 -8.59
C PRO A 350 9.81 0.54 -8.09
N THR A 351 9.91 -0.78 -8.31
CA THR A 351 8.77 -1.67 -8.15
C THR A 351 8.98 -2.91 -7.28
N GLY A 352 10.19 -3.12 -6.78
CA GLY A 352 10.51 -4.30 -6.01
C GLY A 352 10.31 -5.54 -6.87
N TRP A 353 9.61 -6.56 -6.35
CA TRP A 353 9.39 -7.77 -7.16
C TRP A 353 8.30 -7.58 -8.20
N GLY A 354 7.56 -6.51 -8.23
CA GLY A 354 6.40 -6.38 -9.09
C GLY A 354 5.14 -6.78 -8.41
N SER A 355 4.12 -7.10 -9.20
CA SER A 355 2.82 -7.43 -8.65
C SER A 355 2.67 -8.92 -8.45
N LEU A 356 1.82 -9.32 -7.51
CA LEU A 356 1.55 -10.72 -7.21
C LEU A 356 0.47 -11.29 -8.11
N ASP A 357 0.71 -12.52 -8.55
CA ASP A 357 -0.29 -13.34 -9.19
C ASP A 357 -0.92 -14.17 -8.07
N ILE A 358 -2.10 -13.80 -7.65
CA ILE A 358 -2.61 -14.31 -6.39
C ILE A 358 -2.93 -15.79 -6.44
N ALA A 359 -3.57 -16.30 -7.50
CA ALA A 359 -3.84 -17.73 -7.51
C ALA A 359 -2.56 -18.56 -7.54
N LYS A 360 -1.55 -18.07 -8.22
CA LYS A 360 -0.29 -18.80 -8.20
C LYS A 360 0.38 -18.77 -6.84
N LEU A 361 0.33 -17.62 -6.19
CA LEU A 361 0.86 -17.52 -4.83
C LEU A 361 0.06 -18.41 -3.90
N SER A 362 -1.26 -18.44 -4.05
CA SER A 362 -2.06 -19.31 -3.16
C SER A 362 -1.66 -20.74 -3.32
N ALA A 363 -1.43 -21.20 -4.56
CA ALA A 363 -1.06 -22.61 -4.78
C ALA A 363 0.29 -22.89 -4.16
N TYR A 364 1.21 -21.92 -4.29
CA TYR A 364 2.54 -22.06 -3.65
C TYR A 364 2.38 -22.26 -2.16
N ILE A 365 1.55 -21.42 -1.54
CA ILE A 365 1.34 -21.48 -0.10
C ILE A 365 0.72 -22.81 0.29
N ARG A 366 -0.24 -23.29 -0.49
CA ARG A 366 -0.81 -24.60 -0.17
C ARG A 366 0.25 -25.68 -0.19
N SER A 367 1.18 -25.58 -1.11
CA SER A 367 2.22 -26.61 -1.18
C SER A 367 3.33 -26.43 -0.18
N ASN A 368 3.74 -25.21 0.07
CA ASN A 368 4.99 -24.95 0.75
C ASN A 368 4.82 -24.27 2.11
N GLY A 369 3.63 -23.79 2.42
CA GLY A 369 3.44 -22.88 3.53
C GLY A 369 3.98 -21.48 3.27
N PHE A 370 3.87 -20.56 4.21
CA PHE A 370 4.38 -19.22 4.09
C PHE A 370 4.70 -18.64 5.47
CA IVA B 1 0.92 13.03 4.24
CB IVA B 1 1.45 12.55 5.58
CG1 IVA B 1 2.30 13.61 6.28
CG2 IVA B 1 0.35 12.14 6.54
C IVA B 1 0.35 11.92 3.36
O IVA B 1 0.90 10.86 3.19
N PHI B 2 -0.83 12.18 2.78
CA PHI B 2 -1.55 11.12 2.03
CB PHI B 2 -3.01 11.51 1.66
CG PHI B 2 -3.72 12.25 2.78
CD1 PHI B 2 -3.61 11.77 4.06
CD2 PHI B 2 -4.48 13.39 2.59
CE1 PHI B 2 -4.22 12.37 5.14
CE2 PHI B 2 -5.07 14.00 3.68
CZ PHI B 2 -4.96 13.51 4.96
I PHI B 2 -5.78 14.33 6.49
C PHI B 2 -0.77 10.76 0.77
O PHI B 2 -0.16 11.60 0.10
N TYB B 3 -0.83 9.47 0.44
CA TYB B 3 -0.23 8.96 -0.79
C TYB B 3 -1.26 8.32 -1.76
O TYB B 3 -0.98 8.07 -3.11
CB TYB B 3 0.82 7.91 -0.48
CG TYB B 3 2.14 8.33 0.04
CD1 TYB B 3 2.64 9.53 -0.37
CD2 TYB B 3 2.91 7.50 0.85
CE1 TYB B 3 3.83 9.96 0.02
CE2 TYB B 3 4.11 7.97 1.28
CZ TYB B 3 4.59 9.18 0.88
OH TYB B 3 5.72 9.78 1.20
CA CA C . 11.59 -5.90 -12.19
C1 GOL D . -17.35 2.23 -8.62
O1 GOL D . -17.18 1.18 -7.68
C2 GOL D . -18.38 1.78 -9.69
O2 GOL D . -19.64 1.64 -8.95
C3 GOL D . -18.59 2.98 -10.67
O3 GOL D . -17.37 3.29 -11.40
#